data_7MB6
#
_entry.id   7MB6
#
_cell.length_a   124.852
_cell.length_b   80.749
_cell.length_c   62.688
_cell.angle_alpha   90.000
_cell.angle_beta   91.330
_cell.angle_gamma   90.000
#
_symmetry.space_group_name_H-M   'C 1 2 1'
#
loop_
_entity.id
_entity.type
_entity.pdbx_description
1 polymer '3C-like proteinase'
2 polymer LYS-VAL-ALA-THR-VAL-GLN
3 water water
#
loop_
_entity_poly.entity_id
_entity_poly.type
_entity_poly.pdbx_seq_one_letter_code
_entity_poly.pdbx_strand_id
1 'polypeptide(L)'
;SGFRKMAFPSGKVEGCMVQVTCGTTTLNGLWLDDVVYCPRHVICTSEDMLNPNYEDLLIRKSNHNFLVQAGNVQLRVIGH
SMQNCVLKLKVDTANPKTPKYKFVRIQPGQTFSVLACYNGSPSGVYQCAMRPNFTIKGSFLNGSAGSVGFNIDYDCVSFC
YMHHMELPTGVHAGTDLEGNFYGPFVDRQTAQAAGTDTTITVNVLAWLYAAVINGDRWFLNRFTTTLNDFNLVAMKYNYE
PLTQDHVDILGPLSAQTGIAVLDMCASLKELLQNGMNGRTILGSALLEDEFTPFDVVRQCSGVTFQ
;
A,B
2 'polypeptide(L)' KVATVQ C
#
# COMPACT_ATOMS: atom_id res chain seq x y z
N SER A 1 -2.54 -16.02 7.25
CA SER A 1 -1.99 -16.36 5.91
C SER A 1 -2.23 -15.19 4.95
N GLY A 2 -1.60 -15.25 3.79
CA GLY A 2 -1.64 -14.15 2.84
C GLY A 2 -0.37 -13.32 2.92
N PHE A 3 -0.07 -12.65 1.80
CA PHE A 3 1.13 -11.81 1.74
C PHE A 3 0.88 -10.68 0.75
N ARG A 4 0.90 -9.45 1.25
CA ARG A 4 0.62 -8.27 0.45
C ARG A 4 1.76 -7.26 0.59
N LYS A 5 1.90 -6.41 -0.42
CA LYS A 5 2.85 -5.30 -0.33
C LYS A 5 2.32 -4.35 0.75
N MET A 6 2.80 -4.53 1.97
CA MET A 6 2.27 -3.85 3.14
C MET A 6 3.09 -2.60 3.43
N ALA A 7 2.41 -1.48 3.61
CA ALA A 7 3.05 -0.24 4.00
C ALA A 7 2.90 -0.04 5.50
N PHE A 8 3.76 0.79 6.06
CA PHE A 8 3.67 1.11 7.48
C PHE A 8 2.43 1.96 7.75
N PRO A 9 1.90 1.90 8.97
CA PRO A 9 0.88 2.88 9.36
C PRO A 9 1.46 4.28 9.24
N SER A 10 0.71 5.16 8.61
CA SER A 10 1.19 6.50 8.28
C SER A 10 0.70 7.57 9.23
N GLY A 11 -0.02 7.18 10.29
CA GLY A 11 -0.61 8.16 11.19
C GLY A 11 0.40 9.14 11.75
N LYS A 12 1.57 8.66 12.16
CA LYS A 12 2.55 9.53 12.79
C LYS A 12 3.13 10.53 11.80
N VAL A 13 3.20 10.17 10.52
CA VAL A 13 3.77 11.08 9.53
C VAL A 13 2.73 12.08 9.04
N GLU A 14 1.47 11.68 8.93
CA GLU A 14 0.42 12.60 8.48
C GLU A 14 0.39 13.87 9.31
N GLY A 15 0.58 13.75 10.61
CA GLY A 15 0.58 14.90 11.49
C GLY A 15 1.78 15.81 11.36
N CYS A 16 2.73 15.47 10.48
CA CYS A 16 3.90 16.29 10.22
C CYS A 16 3.86 16.98 8.87
N MET A 17 2.89 16.64 8.02
CA MET A 17 2.86 17.15 6.66
C MET A 17 2.26 18.56 6.64
N VAL A 18 3.01 19.51 6.07
CA VAL A 18 2.56 20.88 5.92
C VAL A 18 2.80 21.31 4.47
N GLN A 19 2.27 22.47 4.14
CA GLN A 19 2.42 23.07 2.82
C GLN A 19 3.43 24.20 2.87
N VAL A 20 4.21 24.33 1.80
CA VAL A 20 5.24 25.36 1.68
C VAL A 20 5.07 26.04 0.34
N THR A 21 4.77 27.34 0.37
CA THR A 21 4.52 28.12 -0.83
C THR A 21 5.55 29.23 -0.96
N CYS A 22 5.90 29.54 -2.21
CA CYS A 22 6.89 30.56 -2.51
C CYS A 22 6.53 31.12 -3.89
N GLY A 23 5.80 32.24 -3.89
CA GLY A 23 5.33 32.81 -5.13
C GLY A 23 4.25 31.96 -5.78
N THR A 24 4.57 31.39 -6.94
CA THR A 24 3.62 30.56 -7.68
C THR A 24 3.79 29.06 -7.43
N THR A 25 4.84 28.65 -6.71
CA THR A 25 5.18 27.25 -6.57
C THR A 25 4.84 26.77 -5.16
N THR A 26 4.05 25.70 -5.10
CA THR A 26 3.68 25.04 -3.86
C THR A 26 4.21 23.61 -3.88
N LEU A 27 4.67 23.14 -2.73
CA LEU A 27 5.06 21.75 -2.55
C LEU A 27 4.87 21.39 -1.08
N ASN A 28 5.39 20.25 -0.67
CA ASN A 28 5.16 19.71 0.66
C ASN A 28 6.37 19.91 1.56
N GLY A 29 6.10 20.05 2.86
CA GLY A 29 7.14 20.17 3.83
C GLY A 29 6.89 19.21 5.00
N LEU A 30 7.97 18.95 5.73
CA LEU A 30 7.93 18.05 6.88
C LEU A 30 8.17 18.85 8.14
N TRP A 31 7.16 18.89 9.01
CA TRP A 31 7.18 19.73 10.22
C TRP A 31 7.54 18.86 11.41
N LEU A 32 8.80 18.95 11.84
CA LEU A 32 9.31 18.24 13.02
C LEU A 32 9.88 19.25 13.99
N ASP A 33 9.38 19.24 15.23
CA ASP A 33 9.74 20.24 16.24
C ASP A 33 9.51 21.62 15.62
N ASP A 34 10.48 22.53 15.68
CA ASP A 34 10.30 23.89 15.18
C ASP A 34 11.05 24.13 13.87
N VAL A 35 11.22 23.09 13.06
CA VAL A 35 11.83 23.20 11.74
C VAL A 35 10.93 22.51 10.72
N VAL A 36 10.77 23.13 9.56
CA VAL A 36 10.04 22.55 8.44
C VAL A 36 11.05 22.23 7.35
N TYR A 37 11.17 20.95 7.00
CA TYR A 37 12.06 20.51 5.94
C TYR A 37 11.29 20.41 4.62
N CYS A 38 11.91 20.86 3.54
CA CYS A 38 11.23 20.87 2.24
C CYS A 38 12.29 20.98 1.15
N PRO A 39 11.99 20.52 -0.07
CA PRO A 39 12.95 20.66 -1.17
C PRO A 39 13.19 22.13 -1.51
N ARG A 40 14.43 22.42 -1.90
CA ARG A 40 14.82 23.82 -2.08
C ARG A 40 14.25 24.43 -3.36
N HIS A 41 13.83 23.62 -4.33
CA HIS A 41 13.29 24.20 -5.57
C HIS A 41 11.90 24.78 -5.39
N VAL A 42 11.43 24.92 -4.15
CA VAL A 42 10.22 25.72 -3.91
C VAL A 42 10.51 27.18 -4.19
N ILE A 43 11.77 27.61 -4.02
CA ILE A 43 12.15 28.98 -4.37
C ILE A 43 12.31 29.18 -5.87
N CYS A 44 12.19 28.12 -6.66
CA CYS A 44 12.30 28.22 -8.11
C CYS A 44 10.92 28.50 -8.71
N THR A 45 10.92 28.85 -9.99
CA THR A 45 9.70 29.02 -10.77
C THR A 45 9.77 28.11 -11.99
N SER A 46 8.71 28.15 -12.82
CA SER A 46 8.62 27.30 -14.00
C SER A 46 9.50 27.79 -15.15
N GLU A 47 10.31 28.82 -14.92
CA GLU A 47 11.28 29.26 -15.90
C GLU A 47 12.70 29.30 -15.33
N ASP A 48 12.87 28.97 -14.05
CA ASP A 48 14.16 29.01 -13.38
C ASP A 48 14.67 27.60 -13.07
N MET A 49 14.48 26.65 -13.99
CA MET A 49 14.76 25.26 -13.69
C MET A 49 15.84 24.62 -14.57
N LEU A 50 16.24 25.27 -15.68
CA LEU A 50 17.26 24.69 -16.53
C LEU A 50 18.57 24.52 -15.78
N ASN A 51 19.07 25.62 -15.18
CA ASN A 51 20.30 25.59 -14.39
C ASN A 51 20.17 26.59 -13.26
N PRO A 52 19.31 26.32 -12.28
CA PRO A 52 19.03 27.32 -11.24
C PRO A 52 20.22 27.47 -10.30
N ASN A 53 20.63 28.73 -10.10
CA ASN A 53 21.60 29.05 -9.07
C ASN A 53 20.84 29.20 -7.76
N TYR A 54 20.84 28.14 -6.96
CA TYR A 54 20.03 28.14 -5.73
C TYR A 54 20.61 29.09 -4.70
N GLU A 55 21.93 29.20 -4.62
CA GLU A 55 22.54 30.15 -3.69
C GLU A 55 22.02 31.57 -3.95
N ASP A 56 22.06 32.01 -5.21
CA ASP A 56 21.61 33.35 -5.55
C ASP A 56 20.10 33.47 -5.36
N LEU A 57 19.34 32.48 -5.79
CA LEU A 57 17.88 32.56 -5.67
C LEU A 57 17.45 32.65 -4.22
N LEU A 58 18.18 31.99 -3.32
CA LEU A 58 17.82 32.03 -1.90
C LEU A 58 18.16 33.40 -1.30
N ILE A 59 19.31 33.97 -1.70
CA ILE A 59 19.70 35.28 -1.21
C ILE A 59 18.55 36.27 -1.32
N ARG A 60 17.88 36.28 -2.48
CA ARG A 60 16.77 37.20 -2.72
C ARG A 60 15.51 36.83 -1.94
N LYS A 61 15.55 35.85 -1.05
CA LYS A 61 14.39 35.45 -0.26
C LYS A 61 14.64 35.77 1.21
N SER A 62 13.59 36.22 1.89
CA SER A 62 13.61 36.45 3.34
C SER A 62 12.62 35.51 4.01
N ASN A 63 12.56 35.57 5.34
CA ASN A 63 11.65 34.70 6.08
C ASN A 63 10.22 34.85 5.60
N HIS A 64 9.77 36.10 5.42
CA HIS A 64 8.37 36.35 5.08
C HIS A 64 8.00 35.81 3.71
N ASN A 65 8.99 35.54 2.84
CA ASN A 65 8.70 35.01 1.52
C ASN A 65 8.30 33.54 1.54
N PHE A 66 8.39 32.88 2.70
CA PHE A 66 8.07 31.46 2.82
C PHE A 66 6.74 31.32 3.55
N LEU A 67 5.71 30.94 2.80
CA LEU A 67 4.38 30.70 3.34
C LEU A 67 4.29 29.24 3.76
N VAL A 68 4.16 29.00 5.06
CA VAL A 68 4.12 27.66 5.63
C VAL A 68 2.77 27.49 6.33
N GLN A 69 1.95 26.56 5.82
CA GLN A 69 0.59 26.36 6.31
C GLN A 69 0.44 24.93 6.79
N ALA A 70 0.11 24.78 8.08
CA ALA A 70 -0.25 23.48 8.66
C ALA A 70 -1.76 23.45 8.77
N GLY A 71 -2.40 22.74 7.85
CA GLY A 71 -3.84 22.90 7.69
C GLY A 71 -4.12 24.30 7.17
N ASN A 72 -4.98 25.03 7.86
CA ASN A 72 -5.22 26.43 7.55
C ASN A 72 -4.55 27.37 8.56
N VAL A 73 -3.68 26.83 9.41
CA VAL A 73 -2.95 27.64 10.38
C VAL A 73 -1.60 28.00 9.78
N GLN A 74 -1.36 29.28 9.58
CA GLN A 74 -0.07 29.75 9.06
C GLN A 74 0.99 29.69 10.14
N LEU A 75 2.16 29.17 9.79
CA LEU A 75 3.29 29.06 10.69
C LEU A 75 4.26 30.21 10.40
N ARG A 76 4.68 30.91 11.44
CA ARG A 76 5.60 32.03 11.29
C ARG A 76 7.01 31.52 11.07
N VAL A 77 7.60 31.86 9.93
CA VAL A 77 8.99 31.49 9.64
C VAL A 77 9.90 32.51 10.29
N ILE A 78 10.73 32.06 11.22
CA ILE A 78 11.69 32.92 11.91
C ILE A 78 13.12 32.69 11.45
N GLY A 79 13.34 31.78 10.50
CA GLY A 79 14.67 31.48 10.02
C GLY A 79 14.61 30.60 8.79
N HIS A 80 15.73 30.58 8.07
CA HIS A 80 15.83 29.77 6.87
C HIS A 80 17.30 29.56 6.52
N SER A 81 17.63 28.33 6.13
CA SER A 81 18.95 28.00 5.64
C SER A 81 18.80 26.88 4.63
N MET A 82 19.88 26.59 3.92
CA MET A 82 19.88 25.57 2.87
C MET A 82 21.00 24.59 3.17
N GLN A 83 20.64 23.32 3.34
CA GLN A 83 21.58 22.24 3.60
C GLN A 83 21.47 21.26 2.43
N ASN A 84 22.49 21.22 1.59
CA ASN A 84 22.47 20.39 0.38
C ASN A 84 21.23 20.81 -0.41
N CYS A 85 20.41 19.89 -0.90
CA CYS A 85 19.29 20.23 -1.77
C CYS A 85 17.99 20.46 -1.01
N VAL A 86 18.04 20.53 0.32
CA VAL A 86 16.84 20.72 1.13
C VAL A 86 16.91 22.08 1.81
N LEU A 87 15.73 22.56 2.21
CA LEU A 87 15.56 23.85 2.85
C LEU A 87 14.99 23.63 4.25
N LYS A 88 15.57 24.31 5.23
CA LYS A 88 15.18 24.19 6.63
C LYS A 88 14.57 25.52 7.08
N LEU A 89 13.25 25.54 7.24
CA LEU A 89 12.53 26.74 7.67
C LEU A 89 12.27 26.66 9.17
N LYS A 90 12.99 27.49 9.93
CA LYS A 90 12.77 27.59 11.36
C LYS A 90 11.48 28.35 11.63
N VAL A 91 10.55 27.72 12.33
CA VAL A 91 9.26 28.32 12.66
C VAL A 91 9.20 28.57 14.17
N ASP A 92 8.25 29.40 14.58
CA ASP A 92 8.16 29.83 15.97
C ASP A 92 7.44 28.82 16.86
N THR A 93 6.78 27.82 16.28
CA THR A 93 6.01 26.84 17.03
C THR A 93 6.56 25.44 16.76
N ALA A 94 6.82 24.69 17.83
CA ALA A 94 7.17 23.29 17.70
C ALA A 94 5.91 22.49 17.42
N ASN A 95 6.02 21.51 16.52
CA ASN A 95 4.86 20.73 16.12
C ASN A 95 4.37 19.90 17.30
N PRO A 96 3.18 20.14 17.84
CA PRO A 96 2.72 19.33 18.97
C PRO A 96 2.69 17.84 18.67
N LYS A 97 2.38 17.46 17.43
CA LYS A 97 2.28 16.06 17.04
C LYS A 97 3.61 15.47 16.57
N THR A 98 4.73 16.09 16.90
CA THR A 98 6.01 15.53 16.53
C THR A 98 6.15 14.13 17.13
N PRO A 99 6.38 13.09 16.33
CA PRO A 99 6.66 11.77 16.89
C PRO A 99 8.15 11.62 17.20
N LYS A 100 8.47 10.54 17.91
CA LYS A 100 9.86 10.12 18.00
C LYS A 100 10.37 9.86 16.59
N TYR A 101 11.48 10.51 16.23
CA TYR A 101 11.95 10.44 14.86
C TYR A 101 13.47 10.49 14.79
N LYS A 102 14.01 9.79 13.80
CA LYS A 102 15.42 9.86 13.43
C LYS A 102 15.51 10.11 11.93
N PHE A 103 16.71 10.50 11.48
CA PHE A 103 17.03 10.59 10.07
C PHE A 103 18.07 9.52 9.75
N VAL A 104 17.85 8.76 8.67
CA VAL A 104 18.78 7.72 8.25
C VAL A 104 18.93 7.82 6.73
N ARG A 105 20.05 7.29 6.25
CA ARG A 105 20.30 7.15 4.82
C ARG A 105 20.29 5.66 4.51
N ILE A 106 19.29 5.20 3.77
CA ILE A 106 19.19 3.79 3.46
C ILE A 106 20.17 3.42 2.36
N GLN A 107 20.41 2.12 2.23
CA GLN A 107 21.23 1.49 1.21
C GLN A 107 20.34 0.96 0.09
N PRO A 108 20.87 0.81 -1.12
CA PRO A 108 20.08 0.16 -2.18
C PRO A 108 19.63 -1.22 -1.73
N GLY A 109 18.40 -1.58 -2.11
CA GLY A 109 17.79 -2.83 -1.71
C GLY A 109 16.85 -2.70 -0.53
N GLN A 110 17.00 -1.67 0.29
CA GLN A 110 16.12 -1.50 1.43
C GLN A 110 14.81 -0.82 1.00
N THR A 111 13.77 -1.04 1.79
CA THR A 111 12.42 -0.60 1.49
C THR A 111 11.98 0.46 2.49
N PHE A 112 10.89 1.11 2.14
CA PHE A 112 10.30 2.13 3.01
C PHE A 112 8.91 2.46 2.47
N SER A 113 8.13 3.15 3.30
CA SER A 113 6.79 3.57 2.94
C SER A 113 6.83 5.00 2.46
N VAL A 114 6.15 5.27 1.35
CA VAL A 114 6.01 6.62 0.81
C VAL A 114 4.63 7.12 1.20
N LEU A 115 4.58 8.28 1.85
CA LEU A 115 3.32 9.01 2.04
C LEU A 115 3.25 10.10 0.97
N ALA A 116 2.48 9.83 -0.07
CA ALA A 116 2.31 10.78 -1.17
C ALA A 116 1.39 11.90 -0.74
N CYS A 117 1.89 13.14 -0.79
CA CYS A 117 1.13 14.31 -0.36
C CYS A 117 1.06 15.34 -1.48
N TYR A 118 -0.03 16.08 -1.50
CA TYR A 118 -0.23 17.20 -2.40
C TYR A 118 -0.81 18.35 -1.58
N ASN A 119 -0.29 19.55 -1.82
CA ASN A 119 -0.73 20.75 -1.11
C ASN A 119 -0.66 20.54 0.40
N GLY A 120 0.26 19.70 0.85
CA GLY A 120 0.40 19.40 2.25
C GLY A 120 -0.62 18.45 2.82
N SER A 121 -1.49 17.87 1.99
CA SER A 121 -2.51 16.92 2.44
C SER A 121 -2.15 15.51 2.01
N PRO A 122 -1.89 14.60 2.94
CA PRO A 122 -1.64 13.20 2.52
C PRO A 122 -2.77 12.66 1.67
N SER A 123 -2.41 11.92 0.63
CA SER A 123 -3.39 11.32 -0.26
C SER A 123 -3.25 9.81 -0.42
N GLY A 124 -2.07 9.24 -0.22
CA GLY A 124 -1.91 7.81 -0.34
C GLY A 124 -0.58 7.36 0.24
N VAL A 125 -0.51 6.08 0.57
CA VAL A 125 0.68 5.47 1.15
C VAL A 125 0.95 4.15 0.43
N TYR A 126 2.22 3.92 0.08
CA TYR A 126 2.60 2.68 -0.56
C TYR A 126 4.05 2.35 -0.24
N GLN A 127 4.41 1.09 -0.41
CA GLN A 127 5.75 0.60 -0.11
C GLN A 127 6.60 0.66 -1.38
N CYS A 128 7.85 1.09 -1.21
CA CYS A 128 8.78 1.27 -2.32
C CYS A 128 10.12 0.67 -1.93
N ALA A 129 11.05 0.61 -2.88
CA ALA A 129 12.39 0.11 -2.60
C ALA A 129 13.43 0.98 -3.28
N MET A 130 14.48 1.31 -2.54
CA MET A 130 15.64 1.98 -3.13
C MET A 130 16.29 1.05 -4.13
N ARG A 131 16.04 1.27 -5.42
CA ARG A 131 16.57 0.38 -6.44
C ARG A 131 18.10 0.51 -6.49
N PRO A 132 18.79 -0.52 -7.00
CA PRO A 132 20.26 -0.46 -7.03
C PRO A 132 20.84 0.74 -7.76
N ASN A 133 20.13 1.31 -8.73
CA ASN A 133 20.60 2.51 -9.41
C ASN A 133 20.26 3.78 -8.66
N PHE A 134 19.69 3.66 -7.46
CA PHE A 134 19.40 4.79 -6.57
C PHE A 134 18.20 5.61 -7.06
N THR A 135 17.27 4.95 -7.73
CA THR A 135 15.98 5.51 -8.10
C THR A 135 14.89 4.71 -7.40
N ILE A 136 13.64 5.15 -7.56
CA ILE A 136 12.51 4.41 -7.00
C ILE A 136 11.38 4.40 -8.02
N LYS A 137 10.72 3.25 -8.13
CA LYS A 137 9.57 3.08 -9.01
C LYS A 137 8.34 3.52 -8.23
N GLY A 138 8.15 4.85 -8.16
CA GLY A 138 7.09 5.45 -7.39
C GLY A 138 5.90 5.86 -8.24
N SER A 139 4.97 6.54 -7.59
CA SER A 139 3.80 7.13 -8.26
C SER A 139 3.68 8.56 -7.75
N PHE A 140 4.15 9.51 -8.55
CA PHE A 140 4.23 10.91 -8.14
C PHE A 140 3.74 11.81 -9.27
N LEU A 141 2.86 12.74 -8.93
CA LEU A 141 2.44 13.80 -9.85
C LEU A 141 3.09 15.12 -9.41
N ASN A 142 2.96 16.13 -10.28
CA ASN A 142 3.44 17.46 -9.94
C ASN A 142 2.81 17.93 -8.64
N GLY A 143 3.60 18.59 -7.79
CA GLY A 143 3.16 18.96 -6.46
C GLY A 143 3.46 17.93 -5.39
N SER A 144 4.05 16.79 -5.75
CA SER A 144 4.36 15.74 -4.79
C SER A 144 5.72 15.90 -4.14
N ALA A 145 6.56 16.82 -4.64
CA ALA A 145 7.85 17.06 -4.01
C ALA A 145 7.65 17.41 -2.54
N GLY A 146 8.58 16.95 -1.70
CA GLY A 146 8.42 17.06 -0.27
C GLY A 146 7.73 15.90 0.38
N SER A 147 7.04 15.06 -0.40
CA SER A 147 6.60 13.76 0.10
C SER A 147 7.81 13.01 0.63
N VAL A 148 7.62 12.28 1.73
CA VAL A 148 8.72 11.60 2.40
C VAL A 148 8.50 10.10 2.39
N GLY A 149 9.61 9.37 2.46
CA GLY A 149 9.59 7.94 2.66
C GLY A 149 10.10 7.62 4.04
N PHE A 150 9.73 6.46 4.60
CA PHE A 150 9.99 6.25 6.01
C PHE A 150 9.78 4.79 6.39
N ASN A 151 10.48 4.39 7.46
CA ASN A 151 10.24 3.15 8.17
C ASN A 151 9.81 3.50 9.59
N ILE A 152 9.25 2.51 10.30
CA ILE A 152 8.87 2.68 11.69
C ILE A 152 9.50 1.54 12.50
N ASP A 153 9.92 1.87 13.72
CA ASP A 153 10.42 0.89 14.68
C ASP A 153 9.89 1.27 16.05
N TYR A 154 9.06 0.40 16.64
CA TYR A 154 8.37 0.70 17.88
C TYR A 154 7.53 1.96 17.71
N ASP A 155 7.95 3.07 18.31
CA ASP A 155 7.27 4.35 18.12
C ASP A 155 8.16 5.40 17.46
N CYS A 156 9.35 5.01 16.99
CA CYS A 156 10.28 5.92 16.35
C CYS A 156 10.15 5.82 14.83
N VAL A 157 9.76 6.94 14.20
CA VAL A 157 9.74 7.04 12.75
C VAL A 157 11.15 7.34 12.24
N SER A 158 11.62 6.55 11.28
CA SER A 158 12.89 6.80 10.62
C SER A 158 12.60 7.36 9.22
N PHE A 159 12.75 8.66 9.07
CA PHE A 159 12.64 9.29 7.76
C PHE A 159 13.90 9.03 6.96
N CYS A 160 13.73 8.53 5.73
CA CYS A 160 14.87 8.16 4.91
C CYS A 160 14.84 8.73 3.50
N TYR A 161 13.78 9.45 3.13
CA TYR A 161 13.68 9.89 1.74
C TYR A 161 12.76 11.09 1.67
N MET A 162 13.14 12.09 0.87
CA MET A 162 12.27 13.18 0.49
C MET A 162 12.24 13.25 -1.03
N HIS A 163 11.04 13.39 -1.60
CA HIS A 163 10.88 13.36 -3.03
C HIS A 163 11.17 14.73 -3.65
N HIS A 164 11.88 14.71 -4.78
CA HIS A 164 12.24 15.95 -5.47
C HIS A 164 11.82 15.93 -6.94
N MET A 165 12.18 14.87 -7.67
CA MET A 165 12.12 14.90 -9.13
C MET A 165 11.56 13.60 -9.70
N GLU A 166 11.17 13.69 -10.97
CA GLU A 166 10.89 12.52 -11.79
C GLU A 166 11.86 12.54 -12.97
N LEU A 167 12.59 11.44 -13.14
CA LEU A 167 13.56 11.34 -14.22
C LEU A 167 12.83 11.11 -15.54
N PRO A 168 13.53 11.27 -16.67
CA PRO A 168 12.84 11.18 -17.97
C PRO A 168 12.21 9.83 -18.23
N THR A 169 12.73 8.76 -17.63
CA THR A 169 12.19 7.42 -17.83
C THR A 169 10.98 7.13 -16.95
N GLY A 170 10.44 8.14 -16.25
CA GLY A 170 9.29 7.94 -15.40
C GLY A 170 9.59 7.50 -13.99
N VAL A 171 10.85 7.19 -13.68
CA VAL A 171 11.24 6.82 -12.32
C VAL A 171 11.48 8.11 -11.53
N HIS A 172 11.85 7.98 -10.27
CA HIS A 172 11.86 9.11 -9.36
C HIS A 172 13.16 9.15 -8.55
N ALA A 173 13.56 10.37 -8.21
CA ALA A 173 14.80 10.63 -7.49
C ALA A 173 14.53 11.57 -6.33
N GLY A 174 15.33 11.43 -5.27
CA GLY A 174 15.18 12.27 -4.11
C GLY A 174 16.39 12.19 -3.21
N THR A 175 16.23 12.76 -2.02
CA THR A 175 17.32 12.94 -1.09
C THR A 175 17.02 12.25 0.23
N ASP A 176 18.06 12.08 1.05
CA ASP A 176 17.84 11.85 2.47
C ASP A 176 17.35 13.15 3.10
N LEU A 177 17.05 13.11 4.39
CA LEU A 177 16.52 14.32 5.02
C LEU A 177 17.59 15.36 5.29
N GLU A 178 18.86 15.07 4.97
CA GLU A 178 19.90 16.08 4.99
C GLU A 178 20.06 16.79 3.64
N GLY A 179 19.35 16.35 2.61
CA GLY A 179 19.41 16.99 1.32
C GLY A 179 20.40 16.38 0.34
N ASN A 180 20.98 15.23 0.66
CA ASN A 180 21.91 14.56 -0.24
C ASN A 180 21.13 13.58 -1.11
N PHE A 181 21.12 13.84 -2.42
CA PHE A 181 20.44 12.95 -3.34
C PHE A 181 20.95 11.52 -3.20
N TYR A 182 20.04 10.56 -3.42
CA TYR A 182 20.43 9.20 -3.69
C TYR A 182 20.78 9.09 -5.18
N GLY A 183 21.92 8.49 -5.48
CA GLY A 183 22.38 8.42 -6.85
C GLY A 183 22.94 9.75 -7.32
N PRO A 184 23.35 9.82 -8.58
CA PRO A 184 24.11 10.99 -9.05
C PRO A 184 23.25 12.10 -9.63
N PHE A 185 22.02 12.23 -9.15
CA PHE A 185 21.08 13.16 -9.76
C PHE A 185 21.12 14.52 -9.08
N VAL A 186 20.60 15.52 -9.77
CA VAL A 186 20.60 16.90 -9.31
C VAL A 186 19.25 17.51 -9.62
N ASP A 187 18.83 18.47 -8.80
CA ASP A 187 17.50 19.07 -8.94
C ASP A 187 17.54 20.20 -9.97
N ARG A 188 17.71 19.78 -11.22
CA ARG A 188 17.64 20.67 -12.37
C ARG A 188 16.96 19.91 -13.50
N GLN A 189 16.22 20.63 -14.34
CA GLN A 189 15.45 20.01 -15.42
C GLN A 189 16.33 19.83 -16.65
N THR A 190 17.26 18.89 -16.53
CA THR A 190 18.20 18.54 -17.57
C THR A 190 17.98 17.08 -17.97
N ALA A 191 18.75 16.62 -18.96
CA ALA A 191 18.72 15.23 -19.38
C ALA A 191 19.71 14.46 -18.51
N GLN A 192 19.21 13.87 -17.43
CA GLN A 192 19.95 12.94 -16.59
C GLN A 192 19.36 11.56 -16.76
N ALA A 193 20.19 10.53 -16.63
CA ALA A 193 19.76 9.16 -16.90
C ALA A 193 20.19 8.23 -15.77
N ALA A 194 19.29 7.35 -15.38
CA ALA A 194 19.58 6.34 -14.38
C ALA A 194 20.43 5.23 -14.99
N GLY A 195 21.33 4.67 -14.17
CA GLY A 195 22.13 3.56 -14.61
C GLY A 195 21.31 2.32 -14.90
N THR A 196 21.98 1.22 -15.14
CA THR A 196 21.32 -0.07 -15.32
C THR A 196 20.86 -0.59 -13.97
N ASP A 197 19.67 -1.18 -13.95
CA ASP A 197 19.04 -1.65 -12.72
C ASP A 197 19.08 -3.18 -12.66
N THR A 198 19.65 -3.71 -11.59
CA THR A 198 19.65 -5.14 -11.33
C THR A 198 18.49 -5.50 -10.41
N THR A 199 18.30 -6.80 -10.21
CA THR A 199 17.32 -7.32 -9.26
C THR A 199 17.98 -7.54 -7.91
N ILE A 200 17.23 -7.28 -6.84
CA ILE A 200 17.75 -7.36 -5.48
C ILE A 200 17.63 -8.81 -5.03
N THR A 201 18.72 -9.57 -5.20
CA THR A 201 18.66 -11.01 -5.02
C THR A 201 18.20 -11.39 -3.62
N VAL A 202 18.87 -10.85 -2.59
CA VAL A 202 18.53 -11.21 -1.21
C VAL A 202 17.05 -10.96 -0.92
N ASN A 203 16.44 -9.98 -1.61
CA ASN A 203 15.04 -9.70 -1.36
C ASN A 203 14.13 -10.75 -2.01
N VAL A 204 14.50 -11.24 -3.19
CA VAL A 204 13.71 -12.29 -3.82
C VAL A 204 13.73 -13.56 -2.97
N LEU A 205 14.89 -13.88 -2.39
CA LEU A 205 14.98 -15.05 -1.52
C LEU A 205 14.04 -14.93 -0.33
N ALA A 206 14.05 -13.78 0.35
CA ALA A 206 13.09 -13.54 1.42
C ALA A 206 11.67 -13.73 0.93
N TRP A 207 11.39 -13.26 -0.29
CA TRP A 207 10.05 -13.40 -0.85
C TRP A 207 9.66 -14.87 -1.00
N LEU A 208 10.61 -15.72 -1.38
CA LEU A 208 10.32 -17.15 -1.48
C LEU A 208 10.02 -17.75 -0.11
N TYR A 209 10.78 -17.34 0.91
CA TYR A 209 10.50 -17.82 2.26
C TYR A 209 9.09 -17.42 2.69
N ALA A 210 8.68 -16.19 2.40
CA ALA A 210 7.30 -15.79 2.65
C ALA A 210 6.33 -16.65 1.85
N ALA A 211 6.73 -17.09 0.66
CA ALA A 211 5.90 -18.01 -0.11
C ALA A 211 5.75 -19.34 0.62
N VAL A 212 6.89 -19.96 0.98
CA VAL A 212 6.84 -21.22 1.72
C VAL A 212 6.00 -21.07 2.97
N ILE A 213 6.25 -20.01 3.74
CA ILE A 213 5.51 -19.76 4.97
C ILE A 213 4.01 -19.77 4.71
N ASN A 214 3.58 -19.40 3.51
CA ASN A 214 2.18 -19.28 3.17
C ASN A 214 1.63 -20.50 2.43
N GLY A 215 2.45 -21.53 2.21
CA GLY A 215 1.99 -22.74 1.58
C GLY A 215 2.23 -22.85 0.09
N ASP A 216 2.92 -21.88 -0.51
CA ASP A 216 3.32 -21.98 -1.91
C ASP A 216 4.64 -22.74 -1.95
N ARG A 217 4.60 -23.96 -2.52
CA ARG A 217 5.75 -24.85 -2.43
C ARG A 217 6.04 -25.62 -3.71
N TRP A 218 5.36 -25.33 -4.81
CA TRP A 218 5.63 -26.08 -6.04
C TRP A 218 7.07 -25.89 -6.52
N PHE A 219 7.76 -24.84 -6.05
CA PHE A 219 9.05 -24.46 -6.61
C PHE A 219 10.25 -25.04 -5.87
N LEU A 220 10.07 -25.60 -4.67
CA LEU A 220 11.21 -26.18 -3.98
C LEU A 220 11.64 -27.48 -4.66
N ASN A 221 12.93 -27.74 -4.63
CA ASN A 221 13.52 -28.93 -5.23
C ASN A 221 14.29 -29.70 -4.15
N ARG A 222 14.97 -30.76 -4.59
CA ARG A 222 15.89 -31.51 -3.73
C ARG A 222 17.34 -31.14 -3.99
N PHE A 223 17.62 -30.47 -5.10
CA PHE A 223 18.99 -30.09 -5.45
C PHE A 223 19.43 -28.86 -4.65
N THR A 224 20.71 -28.84 -4.30
CA THR A 224 21.33 -27.71 -3.61
C THR A 224 22.51 -27.24 -4.45
N THR A 225 23.12 -26.13 -4.04
CA THR A 225 24.15 -25.51 -4.86
C THR A 225 25.16 -24.77 -3.98
N THR A 226 26.21 -24.28 -4.62
CA THR A 226 27.22 -23.44 -3.99
C THR A 226 26.87 -21.97 -4.20
N LEU A 227 27.52 -21.10 -3.41
CA LEU A 227 27.30 -19.67 -3.58
C LEU A 227 27.81 -19.19 -4.94
N ASN A 228 28.98 -19.65 -5.36
CA ASN A 228 29.56 -19.16 -6.60
C ASN A 228 28.93 -19.80 -7.82
N ASP A 229 28.53 -21.08 -7.74
CA ASP A 229 27.76 -21.68 -8.81
C ASP A 229 26.43 -20.95 -9.00
N PHE A 230 25.94 -20.31 -7.93
CA PHE A 230 24.70 -19.54 -8.01
C PHE A 230 24.94 -18.17 -8.64
N ASN A 231 25.95 -17.43 -8.14
CA ASN A 231 26.21 -16.10 -8.67
C ASN A 231 26.49 -16.13 -10.16
N LEU A 232 27.05 -17.23 -10.67
CA LEU A 232 27.29 -17.34 -12.10
C LEU A 232 26.00 -17.16 -12.89
N VAL A 233 24.90 -17.73 -12.38
CA VAL A 233 23.60 -17.52 -13.02
C VAL A 233 23.03 -16.15 -12.63
N ALA A 234 23.28 -15.71 -11.40
CA ALA A 234 22.79 -14.41 -10.96
C ALA A 234 23.31 -13.30 -11.87
N MET A 235 24.63 -13.15 -11.96
CA MET A 235 25.22 -12.17 -12.86
C MET A 235 24.80 -12.37 -14.31
N LYS A 236 24.17 -13.51 -14.63
CA LYS A 236 23.69 -13.75 -15.98
C LYS A 236 22.33 -13.11 -16.24
N TYR A 237 21.48 -12.98 -15.21
CA TYR A 237 20.14 -12.45 -15.34
C TYR A 237 20.00 -11.08 -14.69
N ASN A 238 21.08 -10.31 -14.64
CA ASN A 238 21.09 -9.02 -13.98
C ASN A 238 20.52 -9.14 -12.56
N TYR A 239 21.23 -9.92 -11.74
CA TYR A 239 20.88 -10.13 -10.34
C TYR A 239 22.07 -9.72 -9.48
N GLU A 240 21.77 -9.08 -8.35
CA GLU A 240 22.82 -8.65 -7.45
C GLU A 240 23.67 -9.83 -7.01
N PRO A 241 24.97 -9.63 -6.80
CA PRO A 241 25.79 -10.72 -6.22
C PRO A 241 25.38 -10.99 -4.78
N LEU A 242 25.02 -12.23 -4.50
CA LEU A 242 24.68 -12.63 -3.14
C LEU A 242 25.97 -12.83 -2.33
N THR A 243 26.03 -12.20 -1.16
CA THR A 243 27.18 -12.28 -0.27
C THR A 243 26.83 -13.16 0.92
N GLN A 244 27.85 -13.49 1.72
CA GLN A 244 27.60 -14.21 2.97
C GLN A 244 26.80 -13.35 3.92
N ASP A 245 27.02 -12.03 3.91
CA ASP A 245 26.16 -11.12 4.67
C ASP A 245 24.70 -11.36 4.35
N HIS A 246 24.37 -11.52 3.07
CA HIS A 246 22.99 -11.79 2.68
C HIS A 246 22.51 -13.12 3.22
N VAL A 247 23.33 -14.17 3.10
CA VAL A 247 22.98 -15.47 3.65
C VAL A 247 22.74 -15.37 5.15
N ASP A 248 23.55 -14.57 5.84
CA ASP A 248 23.38 -14.39 7.28
C ASP A 248 22.07 -13.68 7.60
N ILE A 249 21.75 -12.61 6.87
CA ILE A 249 20.51 -11.88 7.11
C ILE A 249 19.30 -12.76 6.85
N LEU A 250 19.45 -13.78 6.01
CA LEU A 250 18.39 -14.73 5.75
C LEU A 250 18.39 -15.90 6.73
N GLY A 251 19.29 -15.89 7.72
CA GLY A 251 19.37 -16.95 8.70
C GLY A 251 18.05 -17.19 9.41
N PRO A 252 17.50 -16.14 10.02
CA PRO A 252 16.25 -16.32 10.78
C PRO A 252 15.09 -16.85 9.96
N LEU A 253 15.09 -16.67 8.64
CA LEU A 253 14.02 -17.22 7.82
C LEU A 253 14.29 -18.67 7.44
N SER A 254 15.55 -19.00 7.12
CA SER A 254 15.90 -20.40 6.90
C SER A 254 15.60 -21.24 8.13
N ALA A 255 15.98 -20.75 9.31
CA ALA A 255 15.69 -21.48 10.54
C ALA A 255 14.19 -21.68 10.72
N GLN A 256 13.40 -20.64 10.44
CA GLN A 256 11.95 -20.75 10.66
C GLN A 256 11.31 -21.75 9.71
N THR A 257 11.78 -21.82 8.48
CA THR A 257 11.21 -22.73 7.49
C THR A 257 11.94 -24.06 7.39
N GLY A 258 13.21 -24.10 7.77
CA GLY A 258 14.00 -25.30 7.68
C GLY A 258 14.81 -25.43 6.41
N ILE A 259 14.49 -24.65 5.38
CA ILE A 259 15.20 -24.72 4.10
C ILE A 259 16.49 -23.93 4.21
N ALA A 260 17.62 -24.57 3.92
CA ALA A 260 18.88 -23.87 3.88
C ALA A 260 18.83 -22.79 2.81
N VAL A 261 19.66 -21.76 2.98
CA VAL A 261 19.71 -20.69 2.00
C VAL A 261 20.11 -21.24 0.63
N LEU A 262 21.11 -22.12 0.60
CA LEU A 262 21.65 -22.60 -0.67
C LEU A 262 20.65 -23.47 -1.43
N ASP A 263 19.76 -24.16 -0.72
CA ASP A 263 18.74 -24.95 -1.41
C ASP A 263 17.70 -24.04 -2.06
N MET A 264 17.19 -23.07 -1.31
CA MET A 264 16.30 -22.06 -1.89
C MET A 264 17.00 -21.31 -3.02
N CYS A 265 18.31 -21.10 -2.91
CA CYS A 265 19.08 -20.51 -4.00
C CYS A 265 18.95 -21.36 -5.27
N ALA A 266 19.21 -22.67 -5.15
CA ALA A 266 19.08 -23.54 -6.29
C ALA A 266 17.68 -23.49 -6.87
N SER A 267 16.66 -23.51 -6.01
CA SER A 267 15.28 -23.36 -6.48
C SER A 267 15.12 -22.10 -7.32
N LEU A 268 15.76 -21.01 -6.91
CA LEU A 268 15.73 -19.78 -7.69
C LEU A 268 16.42 -19.97 -9.03
N LYS A 269 17.55 -20.69 -9.04
CA LYS A 269 18.30 -20.87 -10.27
C LYS A 269 17.43 -21.49 -11.37
N GLU A 270 16.68 -22.55 -11.04
CA GLU A 270 15.85 -23.20 -12.04
C GLU A 270 14.65 -22.33 -12.42
N LEU A 271 14.07 -21.63 -11.43
CA LEU A 271 13.05 -20.64 -11.74
C LEU A 271 13.59 -19.59 -12.71
N LEU A 272 14.87 -19.24 -12.58
CA LEU A 272 15.45 -18.23 -13.46
C LEU A 272 15.64 -18.79 -14.86
N GLN A 273 15.99 -20.06 -14.98
CA GLN A 273 16.21 -20.70 -16.27
C GLN A 273 14.91 -21.25 -16.84
N ASN A 274 14.30 -22.21 -16.16
CA ASN A 274 13.10 -22.86 -16.66
C ASN A 274 11.88 -21.96 -16.54
N GLY A 275 11.79 -21.17 -15.47
CA GLY A 275 10.68 -20.25 -15.28
C GLY A 275 9.60 -20.83 -14.40
N MET A 276 8.47 -20.10 -14.36
CA MET A 276 7.32 -20.50 -13.57
C MET A 276 6.38 -21.43 -14.31
N ASN A 277 6.44 -21.43 -15.64
CA ASN A 277 5.62 -22.31 -16.49
C ASN A 277 4.16 -22.31 -16.03
N GLY A 278 3.57 -21.12 -16.03
CA GLY A 278 2.16 -20.94 -15.75
C GLY A 278 1.80 -20.68 -14.29
N ARG A 279 2.40 -21.44 -13.38
CA ARG A 279 2.06 -21.31 -11.97
C ARG A 279 2.50 -19.95 -11.43
N THR A 280 1.82 -19.52 -10.36
CA THR A 280 2.11 -18.26 -9.70
C THR A 280 2.70 -18.51 -8.31
N ILE A 281 3.34 -17.48 -7.77
CA ILE A 281 3.85 -17.50 -6.39
C ILE A 281 3.24 -16.30 -5.68
N LEU A 282 2.44 -16.56 -4.65
CA LEU A 282 1.81 -15.50 -3.87
C LEU A 282 1.03 -14.54 -4.78
N GLY A 283 0.41 -15.10 -5.81
CA GLY A 283 -0.41 -14.32 -6.72
C GLY A 283 0.34 -13.65 -7.84
N SER A 284 1.63 -13.92 -8.01
CA SER A 284 2.45 -13.25 -9.01
C SER A 284 3.19 -14.27 -9.85
N ALA A 285 3.21 -14.04 -11.17
CA ALA A 285 4.02 -14.82 -12.08
C ALA A 285 5.43 -14.29 -12.21
N LEU A 286 5.71 -13.12 -11.66
CA LEU A 286 7.05 -12.54 -11.65
C LEU A 286 7.67 -12.70 -10.26
N LEU A 287 9.00 -12.58 -10.22
CA LEU A 287 9.75 -12.74 -8.99
C LEU A 287 9.89 -11.39 -8.31
N GLU A 288 9.11 -11.19 -7.24
CA GLU A 288 9.11 -9.92 -6.52
C GLU A 288 10.39 -9.75 -5.72
N ASP A 289 10.92 -8.52 -5.73
CA ASP A 289 12.19 -8.23 -5.07
C ASP A 289 12.13 -6.96 -4.22
N GLU A 290 10.94 -6.50 -3.84
CA GLU A 290 10.79 -5.33 -2.99
C GLU A 290 10.32 -5.70 -1.58
N PHE A 291 10.75 -6.87 -1.11
CA PHE A 291 10.51 -7.33 0.25
C PHE A 291 11.85 -7.69 0.87
N THR A 292 12.22 -7.00 1.94
CA THR A 292 13.43 -7.33 2.67
C THR A 292 13.16 -8.52 3.59
N PRO A 293 14.22 -9.15 4.11
CA PRO A 293 14.01 -10.21 5.11
C PRO A 293 13.23 -9.71 6.32
N PHE A 294 13.52 -8.50 6.81
CA PHE A 294 12.74 -7.97 7.91
C PHE A 294 11.31 -7.65 7.48
N ASP A 295 11.12 -7.25 6.22
CA ASP A 295 9.77 -7.03 5.73
C ASP A 295 8.92 -8.28 5.85
N VAL A 296 9.52 -9.45 5.63
CA VAL A 296 8.77 -10.69 5.69
C VAL A 296 8.45 -11.05 7.14
N VAL A 297 9.42 -10.88 8.04
CA VAL A 297 9.20 -11.20 9.45
C VAL A 297 8.13 -10.30 10.05
N ARG A 298 8.19 -9.00 9.74
CA ARG A 298 7.18 -8.09 10.28
C ARG A 298 5.79 -8.53 9.87
N GLN A 299 5.59 -8.85 8.59
CA GLN A 299 4.26 -9.17 8.12
C GLN A 299 3.80 -10.53 8.63
N CYS A 300 4.71 -11.52 8.62
CA CYS A 300 4.31 -12.89 8.95
C CYS A 300 4.24 -13.16 10.44
N SER A 301 4.82 -12.29 11.28
CA SER A 301 4.71 -12.42 12.73
C SER A 301 3.79 -11.38 13.34
N GLY A 302 3.24 -10.48 12.55
CA GLY A 302 2.30 -9.49 13.07
C GLY A 302 2.93 -8.45 13.96
N VAL A 303 4.13 -7.95 13.61
CA VAL A 303 4.74 -6.87 14.36
C VAL A 303 3.87 -5.63 14.25
N THR A 304 3.65 -4.96 15.38
CA THR A 304 2.77 -3.80 15.45
C THR A 304 3.53 -2.57 15.92
N PHE A 305 2.91 -1.41 15.72
CA PHE A 305 3.44 -0.11 16.11
C PHE A 305 2.32 0.75 16.68
N SER B 1 3.78 10.53 -13.00
CA SER B 1 4.03 9.27 -13.75
C SER B 1 4.27 8.14 -12.77
N GLY B 2 4.24 6.91 -13.25
CA GLY B 2 4.33 5.76 -12.36
C GLY B 2 2.97 5.35 -11.83
N PHE B 3 2.83 4.05 -11.61
CA PHE B 3 1.55 3.48 -11.22
C PHE B 3 1.78 2.46 -10.11
N ARG B 4 1.05 2.59 -9.01
CA ARG B 4 1.30 1.79 -7.83
C ARG B 4 0.00 1.50 -7.09
N LYS B 5 -0.08 0.30 -6.52
CA LYS B 5 -1.14 0.00 -5.56
C LYS B 5 -0.96 0.87 -4.33
N MET B 6 -1.98 1.66 -4.03
CA MET B 6 -1.89 2.73 -3.03
C MET B 6 -3.01 2.59 -2.03
N ALA B 7 -2.66 2.64 -0.75
CA ALA B 7 -3.65 2.66 0.31
C ALA B 7 -3.96 4.10 0.72
N PHE B 8 -5.13 4.28 1.32
CA PHE B 8 -5.45 5.57 1.91
C PHE B 8 -4.62 5.76 3.18
N PRO B 9 -4.29 7.02 3.51
CA PRO B 9 -3.57 7.25 4.77
C PRO B 9 -4.41 6.80 5.96
N SER B 10 -3.80 5.99 6.82
CA SER B 10 -4.51 5.25 7.86
C SER B 10 -4.65 6.04 9.16
N GLY B 11 -4.08 7.25 9.23
CA GLY B 11 -4.09 7.97 10.49
C GLY B 11 -5.48 8.10 11.10
N LYS B 12 -6.46 8.52 10.30
CA LYS B 12 -7.81 8.69 10.82
C LYS B 12 -8.35 7.40 11.43
N VAL B 13 -7.96 6.25 10.89
CA VAL B 13 -8.46 4.98 11.41
C VAL B 13 -7.66 4.53 12.63
N GLU B 14 -6.34 4.76 12.61
CA GLU B 14 -5.51 4.34 13.75
C GLU B 14 -6.04 4.88 15.06
N GLY B 15 -6.52 6.12 15.05
CA GLY B 15 -7.07 6.72 16.26
C GLY B 15 -8.35 6.08 16.76
N CYS B 16 -8.93 5.15 16.00
CA CYS B 16 -10.15 4.47 16.39
C CYS B 16 -9.93 3.02 16.80
N MET B 17 -8.75 2.47 16.54
CA MET B 17 -8.49 1.08 16.86
C MET B 17 -8.31 0.90 18.37
N VAL B 18 -8.95 -0.14 18.91
CA VAL B 18 -8.80 -0.51 20.30
C VAL B 18 -8.69 -2.03 20.38
N GLN B 19 -8.51 -2.52 21.59
CA GLN B 19 -8.36 -3.94 21.87
C GLN B 19 -9.55 -4.38 22.71
N VAL B 20 -10.15 -5.51 22.35
CA VAL B 20 -11.29 -6.06 23.07
C VAL B 20 -10.95 -7.48 23.48
N THR B 21 -10.99 -7.76 24.78
CA THR B 21 -10.70 -9.06 25.33
C THR B 21 -11.93 -9.58 26.06
N CYS B 22 -12.35 -10.81 25.73
CA CYS B 22 -13.40 -11.50 26.47
C CYS B 22 -12.84 -12.84 26.90
N GLY B 23 -12.69 -13.02 28.22
CA GLY B 23 -12.06 -14.23 28.74
C GLY B 23 -10.66 -14.43 28.19
N THR B 24 -10.49 -15.47 27.39
CA THR B 24 -9.18 -15.81 26.83
C THR B 24 -9.00 -15.31 25.41
N THR B 25 -10.02 -14.70 24.81
CA THR B 25 -10.00 -14.28 23.41
C THR B 25 -9.80 -12.78 23.33
N THR B 26 -8.87 -12.35 22.48
CA THR B 26 -8.65 -10.93 22.22
C THR B 26 -8.66 -10.70 20.72
N LEU B 27 -9.29 -9.59 20.31
CA LEU B 27 -9.26 -9.14 18.92
C LEU B 27 -9.36 -7.62 18.94
N ASN B 28 -9.58 -7.03 17.77
CA ASN B 28 -9.59 -5.58 17.63
C ASN B 28 -11.02 -5.05 17.62
N GLY B 29 -11.17 -3.80 18.08
CA GLY B 29 -12.43 -3.12 18.00
C GLY B 29 -12.26 -1.72 17.46
N LEU B 30 -13.36 -1.18 16.93
CA LEU B 30 -13.40 0.13 16.32
C LEU B 30 -14.14 1.08 17.25
N TRP B 31 -13.47 2.15 17.68
CA TRP B 31 -13.99 3.07 18.68
C TRP B 31 -14.48 4.33 17.99
N LEU B 32 -15.80 4.42 17.79
CA LEU B 32 -16.45 5.58 17.17
C LEU B 32 -17.42 6.17 18.17
N ASP B 33 -17.22 7.45 18.50
CA ASP B 33 -18.03 8.15 19.51
C ASP B 33 -17.94 7.34 20.80
N ASP B 34 -19.05 6.91 21.39
CA ASP B 34 -19.01 6.12 22.62
C ASP B 34 -19.42 4.67 22.38
N VAL B 35 -19.16 4.15 21.19
CA VAL B 35 -19.43 2.76 20.86
C VAL B 35 -18.15 2.13 20.32
N VAL B 36 -17.86 0.91 20.77
CA VAL B 36 -16.80 0.09 20.21
C VAL B 36 -17.46 -1.05 19.44
N TYR B 37 -17.07 -1.21 18.18
CA TYR B 37 -17.56 -2.28 17.32
C TYR B 37 -16.49 -3.34 17.16
N CYS B 38 -16.89 -4.61 17.20
CA CYS B 38 -15.95 -5.71 17.07
C CYS B 38 -16.70 -6.96 16.69
N PRO B 39 -16.03 -7.95 16.08
CA PRO B 39 -16.71 -9.20 15.73
C PRO B 39 -17.22 -9.94 16.96
N ARG B 40 -18.38 -10.56 16.84
CA ARG B 40 -19.05 -11.12 18.00
C ARG B 40 -18.39 -12.40 18.51
N HIS B 41 -17.63 -13.09 17.66
CA HIS B 41 -17.04 -14.34 18.15
C HIS B 41 -15.94 -14.11 19.18
N VAL B 42 -15.71 -12.88 19.62
CA VAL B 42 -14.83 -12.63 20.76
C VAL B 42 -15.39 -13.25 22.03
N ILE B 43 -16.71 -13.46 22.10
CA ILE B 43 -17.32 -14.05 23.29
C ILE B 43 -17.33 -15.57 23.25
N CYS B 44 -16.75 -16.18 22.23
CA CYS B 44 -16.81 -17.61 22.04
C CYS B 44 -15.54 -18.28 22.54
N THR B 45 -15.70 -19.46 23.13
CA THR B 45 -14.58 -20.36 23.40
C THR B 45 -14.41 -21.31 22.21
N SER B 46 -13.26 -21.97 22.17
CA SER B 46 -12.98 -22.88 21.06
C SER B 46 -14.07 -23.94 20.94
N GLU B 47 -14.56 -24.46 22.07
CA GLU B 47 -15.65 -25.43 22.03
C GLU B 47 -16.94 -24.81 21.49
N ASP B 48 -17.25 -23.58 21.92
CA ASP B 48 -18.47 -22.92 21.46
C ASP B 48 -18.53 -22.81 19.95
N MET B 49 -17.37 -22.70 19.28
CA MET B 49 -17.35 -22.39 17.86
C MET B 49 -17.93 -23.51 16.99
N LEU B 50 -18.13 -24.71 17.54
CA LEU B 50 -18.64 -25.81 16.73
C LEU B 50 -20.08 -25.54 16.31
N ASN B 51 -20.92 -25.12 17.25
CA ASN B 51 -22.27 -24.65 16.93
C ASN B 51 -22.64 -23.54 17.92
N PRO B 52 -22.18 -22.33 17.68
CA PRO B 52 -22.36 -21.26 18.67
C PRO B 52 -23.77 -20.70 18.65
N ASN B 53 -24.27 -20.41 19.84
CA ASN B 53 -25.57 -19.76 20.05
C ASN B 53 -25.25 -18.39 20.65
N TYR B 54 -25.08 -17.40 19.76
CA TYR B 54 -24.54 -16.12 20.20
C TYR B 54 -25.50 -15.38 21.13
N GLU B 55 -26.81 -15.47 20.87
CA GLU B 55 -27.77 -14.86 21.77
C GLU B 55 -27.56 -15.36 23.20
N ASP B 56 -27.49 -16.68 23.36
CA ASP B 56 -27.29 -17.26 24.69
C ASP B 56 -25.94 -16.86 25.27
N LEU B 57 -24.89 -17.01 24.48
CA LEU B 57 -23.55 -16.66 24.97
C LEU B 57 -23.49 -15.20 25.41
N LEU B 58 -24.15 -14.30 24.67
CA LEU B 58 -24.08 -12.89 25.02
C LEU B 58 -24.85 -12.58 26.30
N ILE B 59 -26.07 -13.13 26.44
CA ILE B 59 -26.86 -12.82 27.64
C ILE B 59 -26.10 -13.22 28.90
N ARG B 60 -25.26 -14.25 28.79
CA ARG B 60 -24.49 -14.71 29.94
C ARG B 60 -23.32 -13.79 30.28
N LYS B 61 -22.98 -12.84 29.42
CA LYS B 61 -21.88 -11.92 29.67
C LYS B 61 -22.40 -10.63 30.31
N SER B 62 -21.62 -10.09 31.23
CA SER B 62 -21.88 -8.77 31.80
C SER B 62 -20.95 -7.74 31.14
N ASN B 63 -21.28 -6.47 31.33
CA ASN B 63 -20.40 -5.40 30.87
C ASN B 63 -18.99 -5.61 31.39
N HIS B 64 -18.87 -6.06 32.64
CA HIS B 64 -17.56 -6.28 33.25
C HIS B 64 -16.76 -7.36 32.54
N ASN B 65 -17.42 -8.27 31.83
CA ASN B 65 -16.71 -9.35 31.15
C ASN B 65 -15.95 -8.85 29.93
N PHE B 66 -16.25 -7.65 29.43
CA PHE B 66 -15.62 -7.10 28.23
C PHE B 66 -14.54 -6.11 28.66
N LEU B 67 -13.28 -6.49 28.47
CA LEU B 67 -12.15 -5.59 28.71
C LEU B 67 -11.82 -4.89 27.40
N VAL B 68 -12.06 -3.58 27.34
CA VAL B 68 -11.78 -2.76 26.17
C VAL B 68 -10.65 -1.80 26.55
N GLN B 69 -9.60 -1.78 25.72
CA GLN B 69 -8.39 -1.03 26.01
C GLN B 69 -7.99 -0.21 24.80
N ALA B 70 -7.77 1.09 25.03
CA ALA B 70 -7.16 1.98 24.05
C ALA B 70 -5.68 2.09 24.41
N GLY B 71 -4.86 1.27 23.77
CA GLY B 71 -3.49 1.09 24.21
C GLY B 71 -3.46 0.39 25.56
N ASN B 72 -3.05 1.12 26.60
CA ASN B 72 -3.06 0.61 27.96
C ASN B 72 -4.18 1.20 28.82
N VAL B 73 -4.86 2.25 28.35
CA VAL B 73 -5.94 2.87 29.09
C VAL B 73 -7.22 2.08 28.87
N GLN B 74 -7.87 1.69 29.97
CA GLN B 74 -9.07 0.87 29.90
C GLN B 74 -10.30 1.75 29.77
N LEU B 75 -11.26 1.28 28.96
CA LEU B 75 -12.52 1.97 28.73
C LEU B 75 -13.62 1.23 29.48
N ARG B 76 -14.34 1.95 30.35
CA ARG B 76 -15.41 1.33 31.13
C ARG B 76 -16.60 1.03 30.22
N VAL B 77 -16.95 -0.25 30.11
CA VAL B 77 -18.09 -0.67 29.30
C VAL B 77 -19.36 -0.52 30.12
N ILE B 78 -20.31 0.26 29.60
CA ILE B 78 -21.55 0.56 30.31
C ILE B 78 -22.77 -0.09 29.67
N GLY B 79 -22.66 -0.61 28.46
CA GLY B 79 -23.72 -1.37 27.84
C GLY B 79 -23.14 -2.21 26.73
N HIS B 80 -23.85 -3.29 26.40
CA HIS B 80 -23.44 -4.17 25.33
C HIS B 80 -24.67 -4.72 24.63
N SER B 81 -24.51 -5.01 23.34
CA SER B 81 -25.60 -5.53 22.52
C SER B 81 -25.00 -6.04 21.22
N MET B 82 -25.84 -6.70 20.43
CA MET B 82 -25.44 -7.41 19.23
C MET B 82 -26.23 -6.90 18.03
N GLN B 83 -25.55 -6.78 16.90
CA GLN B 83 -26.19 -6.40 15.63
C GLN B 83 -25.61 -7.32 14.56
N ASN B 84 -26.32 -8.41 14.28
CA ASN B 84 -25.87 -9.43 13.33
C ASN B 84 -24.58 -10.01 13.90
N CYS B 85 -23.49 -10.09 13.12
CA CYS B 85 -22.25 -10.70 13.57
C CYS B 85 -21.27 -9.71 14.19
N VAL B 86 -21.75 -8.57 14.67
CA VAL B 86 -20.90 -7.56 15.28
C VAL B 86 -21.43 -7.25 16.68
N LEU B 87 -20.52 -7.03 17.61
CA LEU B 87 -20.85 -6.63 18.97
C LEU B 87 -20.64 -5.12 19.11
N LYS B 88 -21.58 -4.46 19.77
CA LYS B 88 -21.51 -3.02 20.00
C LYS B 88 -21.43 -2.80 21.51
N LEU B 89 -20.28 -2.32 21.98
CA LEU B 89 -20.03 -2.11 23.40
C LEU B 89 -20.06 -0.61 23.68
N LYS B 90 -21.08 -0.17 24.42
CA LYS B 90 -21.16 1.22 24.83
C LYS B 90 -20.20 1.48 25.98
N VAL B 91 -19.43 2.56 25.87
CA VAL B 91 -18.43 2.90 26.87
C VAL B 91 -18.78 4.28 27.44
N ASP B 92 -18.12 4.63 28.54
CA ASP B 92 -18.43 5.88 29.23
C ASP B 92 -17.75 7.09 28.60
N THR B 93 -16.82 6.89 27.66
CA THR B 93 -16.08 7.98 27.05
C THR B 93 -16.30 7.98 25.54
N ALA B 94 -16.59 9.14 24.98
CA ALA B 94 -16.58 9.31 23.54
C ALA B 94 -15.15 9.38 23.04
N ASN B 95 -14.92 8.85 21.84
CA ASN B 95 -13.58 8.87 21.28
C ASN B 95 -13.25 10.27 20.76
N PRO B 96 -12.35 11.00 21.40
CA PRO B 96 -12.05 12.36 20.92
C PRO B 96 -11.44 12.39 19.53
N LYS B 97 -10.89 11.27 19.04
CA LYS B 97 -10.31 11.21 17.71
C LYS B 97 -11.29 10.66 16.68
N THR B 98 -12.57 10.60 17.00
CA THR B 98 -13.55 10.11 16.03
C THR B 98 -13.56 11.02 14.82
N PRO B 99 -13.33 10.50 13.62
CA PRO B 99 -13.47 11.31 12.41
C PRO B 99 -14.92 11.31 11.94
N LYS B 100 -15.21 12.26 11.05
CA LYS B 100 -16.43 12.14 10.25
C LYS B 100 -16.39 10.79 9.55
N TYR B 101 -17.44 9.99 9.73
CA TYR B 101 -17.45 8.63 9.21
C TYR B 101 -18.83 8.24 8.74
N LYS B 102 -18.86 7.21 7.90
CA LYS B 102 -20.10 6.54 7.50
C LYS B 102 -19.80 5.04 7.41
N PHE B 103 -20.85 4.24 7.59
CA PHE B 103 -20.79 2.82 7.31
C PHE B 103 -21.41 2.59 5.93
N VAL B 104 -20.63 2.05 5.01
CA VAL B 104 -21.13 1.72 3.68
C VAL B 104 -20.92 0.23 3.45
N ARG B 105 -21.83 -0.36 2.69
CA ARG B 105 -21.68 -1.73 2.22
C ARG B 105 -21.24 -1.67 0.77
N ILE B 106 -20.04 -2.13 0.50
CA ILE B 106 -19.45 -2.02 -0.84
C ILE B 106 -19.83 -3.24 -1.65
N GLN B 107 -19.61 -3.17 -2.96
CA GLN B 107 -20.05 -4.17 -3.91
C GLN B 107 -18.83 -4.87 -4.50
N PRO B 108 -18.98 -6.09 -5.02
CA PRO B 108 -17.83 -6.77 -5.62
C PRO B 108 -17.15 -5.91 -6.67
N GLY B 109 -15.83 -5.99 -6.71
CA GLY B 109 -15.02 -5.22 -7.61
C GLY B 109 -14.46 -3.94 -7.01
N GLN B 110 -15.18 -3.36 -6.05
CA GLN B 110 -14.71 -2.13 -5.41
C GLN B 110 -13.54 -2.41 -4.47
N THR B 111 -12.61 -1.47 -4.40
CA THR B 111 -11.41 -1.62 -3.58
C THR B 111 -11.53 -0.80 -2.30
N PHE B 112 -10.67 -1.13 -1.35
CA PHE B 112 -10.61 -0.42 -0.09
C PHE B 112 -9.25 -0.69 0.54
N SER B 113 -8.94 0.08 1.58
CA SER B 113 -7.67 -0.03 2.29
C SER B 113 -7.91 -0.75 3.61
N VAL B 114 -7.05 -1.72 3.91
CA VAL B 114 -7.12 -2.47 5.16
C VAL B 114 -5.96 -2.02 6.05
N LEU B 115 -6.28 -1.67 7.30
CA LEU B 115 -5.29 -1.43 8.34
C LEU B 115 -5.25 -2.68 9.21
N ALA B 116 -4.33 -3.59 8.88
CA ALA B 116 -4.17 -4.80 9.67
C ALA B 116 -3.65 -4.46 11.06
N CYS B 117 -4.32 -5.01 12.09
CA CYS B 117 -4.02 -4.67 13.47
C CYS B 117 -3.95 -5.91 14.34
N TYR B 118 -3.22 -5.80 15.44
CA TYR B 118 -3.16 -6.82 16.47
C TYR B 118 -3.11 -6.11 17.81
N ASN B 119 -3.98 -6.53 18.73
CA ASN B 119 -4.04 -5.93 20.07
C ASN B 119 -4.39 -4.45 20.02
N GLY B 120 -5.16 -4.05 19.02
CA GLY B 120 -5.51 -2.66 18.84
C GLY B 120 -4.41 -1.80 18.26
N SER B 121 -3.20 -2.35 18.07
CA SER B 121 -2.12 -1.57 17.49
C SER B 121 -1.92 -1.99 16.03
N PRO B 122 -1.61 -1.05 15.14
CA PRO B 122 -1.51 -1.38 13.72
C PRO B 122 -0.19 -2.01 13.34
N SER B 123 -0.26 -2.98 12.42
CA SER B 123 0.90 -3.63 11.84
C SER B 123 1.25 -3.08 10.47
N GLY B 124 0.24 -2.83 9.64
CA GLY B 124 0.48 -2.31 8.31
C GLY B 124 -0.83 -2.01 7.62
N VAL B 125 -0.72 -1.45 6.43
CA VAL B 125 -1.87 -1.02 5.64
C VAL B 125 -1.64 -1.41 4.20
N TYR B 126 -2.69 -1.93 3.56
CA TYR B 126 -2.59 -2.37 2.17
C TYR B 126 -3.94 -2.19 1.49
N GLN B 127 -3.95 -2.41 0.18
CA GLN B 127 -5.09 -2.15 -0.68
C GLN B 127 -5.70 -3.46 -1.12
N CYS B 128 -7.01 -3.58 -1.00
CA CYS B 128 -7.74 -4.81 -1.31
C CYS B 128 -8.92 -4.49 -2.20
N ALA B 129 -9.46 -5.54 -2.82
CA ALA B 129 -10.71 -5.45 -3.58
C ALA B 129 -11.64 -6.56 -3.11
N MET B 130 -12.89 -6.22 -2.87
CA MET B 130 -13.89 -7.25 -2.64
C MET B 130 -13.97 -8.15 -3.86
N ARG B 131 -13.67 -9.43 -3.68
CA ARG B 131 -13.72 -10.32 -4.83
C ARG B 131 -15.17 -10.65 -5.18
N PRO B 132 -15.42 -11.10 -6.41
CA PRO B 132 -16.79 -11.46 -6.79
C PRO B 132 -17.39 -12.56 -5.92
N ASN B 133 -16.58 -13.49 -5.41
CA ASN B 133 -17.07 -14.51 -4.49
C ASN B 133 -17.18 -14.01 -3.06
N PHE B 134 -17.09 -12.69 -2.85
CA PHE B 134 -17.31 -12.06 -1.55
C PHE B 134 -16.23 -12.44 -0.54
N THR B 135 -15.04 -12.76 -1.01
CA THR B 135 -13.85 -12.85 -0.18
C THR B 135 -12.91 -11.70 -0.51
N ILE B 136 -11.85 -11.57 0.29
CA ILE B 136 -10.77 -10.64 0.00
C ILE B 136 -9.45 -11.39 0.14
N LYS B 137 -8.48 -11.02 -0.69
CA LYS B 137 -7.17 -11.66 -0.68
C LYS B 137 -6.20 -10.82 0.16
N GLY B 138 -6.40 -10.91 1.48
CA GLY B 138 -5.70 -10.07 2.41
C GLY B 138 -4.48 -10.73 3.02
N SER B 139 -4.02 -10.14 4.13
CA SER B 139 -2.83 -10.61 4.88
C SER B 139 -3.21 -10.52 6.35
N PHE B 140 -3.70 -11.63 6.90
CA PHE B 140 -4.29 -11.65 8.23
C PHE B 140 -3.76 -12.83 9.02
N LEU B 141 -3.45 -12.59 10.29
CA LEU B 141 -3.01 -13.63 11.20
C LEU B 141 -3.97 -13.71 12.39
N ASN B 142 -3.74 -14.70 13.24
CA ASN B 142 -4.52 -14.84 14.46
C ASN B 142 -4.45 -13.56 15.27
N GLY B 143 -5.61 -13.05 15.66
CA GLY B 143 -5.71 -11.78 16.34
C GLY B 143 -6.03 -10.59 15.46
N SER B 144 -6.12 -10.80 14.13
CA SER B 144 -6.38 -9.71 13.21
C SER B 144 -7.86 -9.38 13.07
N ALA B 145 -8.74 -10.32 13.43
CA ALA B 145 -10.17 -10.05 13.41
C ALA B 145 -10.45 -8.72 14.10
N GLY B 146 -11.43 -7.98 13.60
CA GLY B 146 -11.72 -6.66 14.07
C GLY B 146 -11.00 -5.55 13.34
N SER B 147 -9.93 -5.89 12.61
CA SER B 147 -9.35 -4.95 11.66
C SER B 147 -10.40 -4.57 10.62
N VAL B 148 -10.34 -3.32 10.16
CA VAL B 148 -11.37 -2.81 9.27
C VAL B 148 -10.75 -2.42 7.95
N GLY B 149 -11.61 -2.39 6.92
CA GLY B 149 -11.29 -1.82 5.63
C GLY B 149 -12.06 -0.53 5.46
N PHE B 150 -11.52 0.38 4.66
CA PHE B 150 -12.10 1.73 4.64
C PHE B 150 -11.71 2.44 3.34
N ASN B 151 -12.44 3.51 3.07
CA ASN B 151 -12.08 4.49 2.04
C ASN B 151 -12.26 5.87 2.64
N ILE B 152 -11.48 6.84 2.13
CA ILE B 152 -11.50 8.20 2.63
C ILE B 152 -11.87 9.12 1.47
N ASP B 153 -13.05 9.71 1.54
CA ASP B 153 -13.50 10.72 0.59
C ASP B 153 -13.68 12.03 1.35
N TYR B 154 -13.02 13.09 0.89
CA TYR B 154 -12.98 14.34 1.63
C TYR B 154 -12.15 14.13 2.90
N ASP B 155 -12.74 14.40 4.06
CA ASP B 155 -12.20 13.98 5.33
C ASP B 155 -13.12 12.99 6.04
N CYS B 156 -13.98 12.30 5.29
CA CYS B 156 -14.92 11.34 5.84
C CYS B 156 -14.47 9.92 5.50
N VAL B 157 -14.41 9.08 6.52
CA VAL B 157 -13.99 7.68 6.35
C VAL B 157 -15.23 6.84 6.12
N SER B 158 -15.18 6.02 5.07
CA SER B 158 -16.27 5.14 4.70
C SER B 158 -15.87 3.71 5.09
N PHE B 159 -16.20 3.33 6.32
CA PHE B 159 -15.91 1.99 6.81
C PHE B 159 -16.77 0.98 6.08
N CYS B 160 -16.15 0.04 5.37
CA CYS B 160 -16.89 -0.95 4.60
C CYS B 160 -16.66 -2.40 5.02
N TYR B 161 -15.56 -2.71 5.71
CA TYR B 161 -15.21 -4.10 5.99
C TYR B 161 -14.63 -4.24 7.38
N MET B 162 -15.10 -5.24 8.12
CA MET B 162 -14.51 -5.69 9.38
C MET B 162 -14.11 -7.15 9.22
N HIS B 163 -12.90 -7.48 9.66
CA HIS B 163 -12.37 -8.82 9.42
C HIS B 163 -12.86 -9.81 10.46
N HIS B 164 -13.06 -11.05 10.02
CA HIS B 164 -13.60 -12.09 10.91
C HIS B 164 -12.76 -13.37 10.88
N MET B 165 -12.48 -13.90 9.69
CA MET B 165 -12.01 -15.28 9.60
C MET B 165 -11.32 -15.51 8.27
N GLU B 166 -10.64 -16.65 8.19
CA GLU B 166 -9.89 -17.08 7.02
C GLU B 166 -10.49 -18.37 6.49
N LEU B 167 -10.72 -18.42 5.18
CA LEU B 167 -11.25 -19.61 4.53
C LEU B 167 -10.10 -20.58 4.26
N PRO B 168 -10.42 -21.85 3.95
CA PRO B 168 -9.35 -22.86 3.90
C PRO B 168 -8.35 -22.64 2.78
N THR B 169 -8.68 -21.83 1.79
CA THR B 169 -7.77 -21.56 0.68
C THR B 169 -6.81 -20.41 0.96
N GLY B 170 -6.90 -19.79 2.13
CA GLY B 170 -6.03 -18.68 2.45
C GLY B 170 -6.60 -17.31 2.14
N VAL B 171 -7.90 -17.23 1.84
CA VAL B 171 -8.57 -15.95 1.61
C VAL B 171 -9.39 -15.64 2.86
N HIS B 172 -10.08 -14.51 2.85
CA HIS B 172 -10.61 -13.93 4.08
C HIS B 172 -12.04 -13.50 3.89
N ALA B 173 -12.78 -13.51 4.99
CA ALA B 173 -14.21 -13.21 5.00
C ALA B 173 -14.51 -12.25 6.15
N GLY B 174 -15.55 -11.46 5.98
CA GLY B 174 -15.93 -10.55 7.03
C GLY B 174 -17.24 -9.86 6.72
N THR B 175 -17.57 -8.89 7.55
CA THR B 175 -18.85 -8.21 7.54
C THR B 175 -18.66 -6.73 7.21
N ASP B 176 -19.74 -6.09 6.77
CA ASP B 176 -19.79 -4.64 6.82
C ASP B 176 -19.89 -4.22 8.30
N LEU B 177 -19.97 -2.93 8.55
CA LEU B 177 -19.95 -2.45 9.92
C LEU B 177 -21.30 -2.54 10.60
N GLU B 178 -22.32 -3.09 9.94
CA GLU B 178 -23.58 -3.39 10.59
C GLU B 178 -23.73 -4.87 10.89
N GLY B 179 -22.66 -5.65 10.70
CA GLY B 179 -22.61 -7.03 11.16
C GLY B 179 -23.04 -8.07 10.15
N ASN B 180 -23.34 -7.68 8.92
CA ASN B 180 -23.82 -8.60 7.89
C ASN B 180 -22.64 -9.06 7.04
N PHE B 181 -22.44 -10.38 6.98
CA PHE B 181 -21.32 -10.93 6.24
C PHE B 181 -21.41 -10.58 4.75
N TYR B 182 -20.25 -10.45 4.12
CA TYR B 182 -20.14 -10.43 2.67
C TYR B 182 -20.06 -11.87 2.19
N GLY B 183 -21.05 -12.30 1.42
CA GLY B 183 -21.07 -13.65 0.89
C GLY B 183 -21.93 -14.58 1.71
N PRO B 184 -21.85 -15.89 1.42
CA PRO B 184 -22.70 -16.87 2.09
C PRO B 184 -22.19 -17.34 3.45
N PHE B 185 -21.10 -16.77 3.95
CA PHE B 185 -20.40 -17.35 5.09
C PHE B 185 -21.08 -17.01 6.40
N VAL B 186 -20.79 -17.82 7.42
CA VAL B 186 -21.28 -17.61 8.78
C VAL B 186 -20.11 -17.79 9.73
N ASP B 187 -20.23 -17.22 10.93
CA ASP B 187 -19.15 -17.24 11.91
C ASP B 187 -19.35 -18.42 12.86
N ARG B 188 -19.19 -19.62 12.28
CA ARG B 188 -19.16 -20.86 13.06
C ARG B 188 -18.18 -21.83 12.40
N GLN B 189 -17.59 -22.70 13.22
CA GLN B 189 -16.65 -23.68 12.68
C GLN B 189 -17.41 -24.76 11.92
N THR B 190 -17.60 -24.54 10.62
CA THR B 190 -18.24 -25.48 9.73
C THR B 190 -17.40 -25.58 8.48
N ALA B 191 -17.58 -26.68 7.74
CA ALA B 191 -16.96 -26.74 6.42
C ALA B 191 -17.58 -25.64 5.57
N GLN B 192 -16.85 -24.53 5.40
CA GLN B 192 -17.25 -23.43 4.54
C GLN B 192 -16.20 -23.27 3.47
N ALA B 193 -16.61 -22.77 2.30
CA ALA B 193 -15.66 -22.55 1.22
C ALA B 193 -16.19 -21.47 0.28
N ALA B 194 -15.26 -20.69 -0.26
CA ALA B 194 -15.60 -19.66 -1.22
C ALA B 194 -15.88 -20.28 -2.59
N GLY B 195 -16.81 -19.67 -3.32
CA GLY B 195 -17.11 -20.13 -4.66
C GLY B 195 -15.96 -19.89 -5.62
N THR B 196 -16.11 -20.44 -6.83
CA THR B 196 -15.17 -20.14 -7.89
C THR B 196 -15.12 -18.63 -8.11
N ASP B 197 -13.91 -18.08 -8.10
CA ASP B 197 -13.75 -16.62 -8.15
C ASP B 197 -13.64 -16.15 -9.59
N THR B 198 -14.36 -15.07 -9.91
CA THR B 198 -14.33 -14.46 -11.22
C THR B 198 -13.39 -13.25 -11.22
N THR B 199 -12.93 -12.86 -12.40
CA THR B 199 -12.02 -11.73 -12.57
C THR B 199 -12.84 -10.47 -12.82
N ILE B 200 -12.47 -9.39 -12.13
CA ILE B 200 -13.25 -8.14 -12.18
C ILE B 200 -12.94 -7.46 -13.51
N THR B 201 -13.86 -7.59 -14.48
CA THR B 201 -13.61 -7.15 -15.84
C THR B 201 -13.35 -5.65 -15.92
N VAL B 202 -14.21 -4.85 -15.27
CA VAL B 202 -14.08 -3.40 -15.36
C VAL B 202 -12.75 -2.93 -14.80
N ASN B 203 -12.24 -3.61 -13.77
CA ASN B 203 -10.95 -3.24 -13.21
C ASN B 203 -9.80 -3.58 -14.17
N VAL B 204 -9.86 -4.74 -14.81
CA VAL B 204 -8.82 -5.08 -15.77
C VAL B 204 -8.81 -4.06 -16.91
N LEU B 205 -10.00 -3.62 -17.33
CA LEU B 205 -10.09 -2.62 -18.39
C LEU B 205 -9.44 -1.31 -17.97
N ALA B 206 -9.74 -0.86 -16.75
CA ALA B 206 -9.08 0.34 -16.22
C ALA B 206 -7.57 0.15 -16.17
N TRP B 207 -7.12 -1.03 -15.75
CA TRP B 207 -5.69 -1.32 -15.72
C TRP B 207 -5.09 -1.20 -17.12
N LEU B 208 -5.82 -1.65 -18.14
CA LEU B 208 -5.31 -1.56 -19.50
C LEU B 208 -5.19 -0.10 -19.95
N TYR B 209 -6.20 0.72 -19.65
CA TYR B 209 -6.08 2.15 -19.91
C TYR B 209 -4.86 2.73 -19.20
N ALA B 210 -4.71 2.42 -17.91
CA ALA B 210 -3.55 2.87 -17.17
C ALA B 210 -2.26 2.53 -17.91
N ALA B 211 -2.15 1.28 -18.39
CA ALA B 211 -0.96 0.87 -19.13
C ALA B 211 -0.72 1.79 -20.32
N VAL B 212 -1.79 2.20 -21.02
CA VAL B 212 -1.66 3.09 -22.16
C VAL B 212 -1.12 4.45 -21.72
N ILE B 213 -1.70 5.00 -20.65
CA ILE B 213 -1.30 6.33 -20.18
C ILE B 213 0.18 6.36 -19.83
N ASN B 214 0.73 5.26 -19.32
CA ASN B 214 2.09 5.22 -18.83
C ASN B 214 3.12 4.88 -19.90
N GLY B 215 2.70 4.73 -21.15
CA GLY B 215 3.59 4.43 -22.26
C GLY B 215 3.40 3.03 -22.84
N ASP B 216 3.09 2.05 -21.99
CA ASP B 216 2.94 0.67 -22.44
C ASP B 216 1.68 0.56 -23.29
N ARG B 217 1.85 0.28 -24.59
CA ARG B 217 0.73 0.22 -25.51
C ARG B 217 0.86 -0.88 -26.55
N TRP B 218 1.83 -1.79 -26.41
CA TRP B 218 2.02 -2.85 -27.41
C TRP B 218 0.73 -3.63 -27.63
N PHE B 219 -0.01 -3.90 -26.56
CA PHE B 219 -1.18 -4.77 -26.61
C PHE B 219 -2.34 -4.17 -27.39
N LEU B 220 -2.24 -2.90 -27.80
CA LEU B 220 -3.35 -2.26 -28.48
C LEU B 220 -3.54 -2.85 -29.87
N ASN B 221 -4.73 -3.38 -30.13
CA ASN B 221 -5.09 -3.94 -31.42
C ASN B 221 -5.97 -2.94 -32.18
N ARG B 222 -6.26 -3.29 -33.43
CA ARG B 222 -7.04 -2.41 -34.29
C ARG B 222 -8.41 -3.02 -34.59
N PHE B 223 -9.14 -3.42 -33.55
CA PHE B 223 -10.46 -4.01 -33.72
C PHE B 223 -11.42 -3.39 -32.72
N THR B 224 -12.71 -3.63 -32.94
CA THR B 224 -13.78 -3.26 -32.02
C THR B 224 -14.78 -4.41 -31.96
N THR B 225 -15.72 -4.32 -31.03
CA THR B 225 -16.70 -5.39 -30.84
C THR B 225 -17.94 -4.80 -30.18
N THR B 226 -18.92 -5.66 -29.91
CA THR B 226 -20.14 -5.28 -29.20
C THR B 226 -20.04 -5.72 -27.74
N LEU B 227 -20.93 -5.18 -26.92
CA LEU B 227 -20.91 -5.52 -25.49
C LEU B 227 -21.36 -6.96 -25.27
N ASN B 228 -22.51 -7.33 -25.86
CA ASN B 228 -23.00 -8.70 -25.70
C ASN B 228 -21.99 -9.72 -26.22
N ASP B 229 -21.27 -9.38 -27.29
CA ASP B 229 -20.24 -10.26 -27.82
C ASP B 229 -19.13 -10.47 -26.79
N PHE B 230 -18.50 -9.37 -26.37
CA PHE B 230 -17.40 -9.48 -25.41
C PHE B 230 -17.84 -10.21 -24.15
N ASN B 231 -19.07 -9.93 -23.67
CA ASN B 231 -19.54 -10.56 -22.44
C ASN B 231 -19.57 -12.09 -22.59
N LEU B 232 -20.04 -12.58 -23.73
CA LEU B 232 -20.02 -14.02 -23.97
C LEU B 232 -18.60 -14.56 -23.91
N VAL B 233 -17.63 -13.79 -24.40
CA VAL B 233 -16.24 -14.25 -24.41
C VAL B 233 -15.67 -14.22 -23.00
N ALA B 234 -15.84 -13.11 -22.29
CA ALA B 234 -15.39 -13.05 -20.91
C ALA B 234 -16.04 -14.12 -20.04
N MET B 235 -17.19 -14.65 -20.46
CA MET B 235 -17.84 -15.70 -19.67
C MET B 235 -17.07 -17.01 -19.76
N LYS B 236 -16.58 -17.36 -20.95
CA LYS B 236 -15.78 -18.56 -21.10
C LYS B 236 -14.49 -18.49 -20.30
N TYR B 237 -14.02 -17.28 -19.98
CA TYR B 237 -12.76 -17.08 -19.26
C TYR B 237 -12.99 -16.67 -17.81
N ASN B 238 -14.19 -16.94 -17.27
CA ASN B 238 -14.54 -16.60 -15.88
C ASN B 238 -14.23 -15.14 -15.57
N TYR B 239 -14.44 -14.28 -16.57
CA TYR B 239 -14.44 -12.84 -16.35
C TYR B 239 -15.85 -12.38 -16.01
N GLU B 240 -15.95 -11.38 -15.14
CA GLU B 240 -17.24 -10.82 -14.79
C GLU B 240 -17.87 -10.17 -16.03
N PRO B 241 -19.20 -10.07 -16.07
CA PRO B 241 -19.83 -9.37 -17.18
C PRO B 241 -19.75 -7.86 -17.01
N LEU B 242 -19.62 -7.17 -18.14
CA LEU B 242 -19.52 -5.72 -18.15
C LEU B 242 -20.91 -5.11 -18.35
N THR B 243 -21.32 -4.26 -17.41
CA THR B 243 -22.59 -3.56 -17.51
C THR B 243 -22.39 -2.22 -18.22
N GLN B 244 -23.51 -1.54 -18.48
CA GLN B 244 -23.44 -0.21 -19.09
C GLN B 244 -22.94 0.83 -18.09
N ASP B 245 -23.16 0.61 -16.80
CA ASP B 245 -22.56 1.49 -15.80
C ASP B 245 -21.04 1.37 -15.82
N HIS B 246 -20.52 0.18 -16.08
CA HIS B 246 -19.08 -0.01 -16.21
C HIS B 246 -18.53 0.79 -17.38
N VAL B 247 -19.21 0.78 -18.53
CA VAL B 247 -18.71 1.52 -19.68
C VAL B 247 -18.79 3.03 -19.41
N ASP B 248 -19.77 3.47 -18.62
CA ASP B 248 -19.85 4.88 -18.27
C ASP B 248 -18.72 5.28 -17.33
N ILE B 249 -18.42 4.43 -16.33
CA ILE B 249 -17.34 4.74 -15.40
C ILE B 249 -16.00 4.75 -16.11
N LEU B 250 -15.84 3.93 -17.15
CA LEU B 250 -14.63 3.93 -17.97
C LEU B 250 -14.60 5.07 -18.99
N GLY B 251 -15.67 5.86 -19.07
CA GLY B 251 -15.75 6.95 -20.03
C GLY B 251 -14.57 7.89 -19.92
N PRO B 252 -14.40 8.50 -18.74
CA PRO B 252 -13.25 9.40 -18.53
C PRO B 252 -11.93 8.85 -19.04
N LEU B 253 -11.62 7.57 -18.78
CA LEU B 253 -10.38 7.01 -19.30
C LEU B 253 -10.43 6.87 -20.82
N SER B 254 -11.59 6.52 -21.37
CA SER B 254 -11.72 6.41 -22.82
C SER B 254 -11.46 7.75 -23.49
N ALA B 255 -12.11 8.81 -23.01
CA ALA B 255 -11.93 10.13 -23.62
C ALA B 255 -10.51 10.64 -23.44
N GLN B 256 -9.92 10.41 -22.27
CA GLN B 256 -8.54 10.81 -22.03
C GLN B 256 -7.59 10.16 -23.02
N THR B 257 -7.71 8.85 -23.21
CA THR B 257 -6.81 8.12 -24.09
C THR B 257 -7.26 8.14 -25.55
N GLY B 258 -8.49 8.51 -25.82
CA GLY B 258 -9.03 8.46 -27.16
C GLY B 258 -9.40 7.08 -27.64
N ILE B 259 -9.27 6.05 -26.79
CA ILE B 259 -9.57 4.67 -27.16
C ILE B 259 -10.93 4.30 -26.58
N ALA B 260 -11.85 3.85 -27.43
CA ALA B 260 -13.21 3.58 -27.01
C ALA B 260 -13.28 2.35 -26.13
N VAL B 261 -14.29 2.34 -25.24
CA VAL B 261 -14.42 1.25 -24.27
C VAL B 261 -14.50 -0.10 -25.00
N LEU B 262 -15.21 -0.15 -26.12
CA LEU B 262 -15.37 -1.41 -26.85
C LEU B 262 -14.13 -1.76 -27.67
N ASP B 263 -13.30 -0.77 -28.01
CA ASP B 263 -12.02 -1.08 -28.64
C ASP B 263 -11.08 -1.76 -27.65
N MET B 264 -11.03 -1.27 -26.40
CA MET B 264 -10.22 -1.92 -25.38
C MET B 264 -10.74 -3.33 -25.11
N CYS B 265 -12.06 -3.49 -25.03
CA CYS B 265 -12.64 -4.82 -24.87
C CYS B 265 -12.12 -5.79 -25.92
N ALA B 266 -11.89 -5.31 -27.14
CA ALA B 266 -11.36 -6.16 -28.19
C ALA B 266 -9.88 -6.46 -27.96
N SER B 267 -9.11 -5.46 -27.53
CA SER B 267 -7.74 -5.72 -27.12
C SER B 267 -7.71 -6.77 -26.02
N LEU B 268 -8.56 -6.61 -25.00
CA LEU B 268 -8.62 -7.58 -23.92
C LEU B 268 -8.92 -8.98 -24.43
N LYS B 269 -9.71 -9.09 -25.50
CA LYS B 269 -9.97 -10.38 -26.12
C LYS B 269 -8.67 -11.02 -26.59
N GLU B 270 -7.95 -10.33 -27.48
CA GLU B 270 -6.70 -10.87 -28.00
C GLU B 270 -5.80 -11.38 -26.89
N LEU B 271 -5.78 -10.67 -25.75
CA LEU B 271 -4.93 -11.07 -24.64
C LEU B 271 -5.43 -12.36 -23.98
N LEU B 272 -6.76 -12.51 -23.87
CA LEU B 272 -7.30 -13.69 -23.22
C LEU B 272 -7.13 -14.94 -24.06
N GLN B 273 -7.14 -14.81 -25.39
CA GLN B 273 -7.13 -15.97 -26.28
C GLN B 273 -5.72 -16.38 -26.69
N ASN B 274 -4.83 -15.42 -26.93
CA ASN B 274 -3.46 -15.71 -27.32
C ASN B 274 -2.45 -15.48 -26.21
N GLY B 275 -2.84 -14.82 -25.12
CA GLY B 275 -1.95 -14.62 -24.00
C GLY B 275 -1.05 -13.41 -24.16
N MET B 276 0.05 -13.43 -23.40
CA MET B 276 0.99 -12.33 -23.39
C MET B 276 2.25 -12.60 -24.21
N ASN B 277 2.61 -13.87 -24.41
CA ASN B 277 3.80 -14.22 -25.18
C ASN B 277 5.06 -13.66 -24.52
N GLY B 278 5.17 -13.89 -23.21
CA GLY B 278 6.32 -13.42 -22.46
C GLY B 278 6.44 -11.91 -22.39
N ARG B 279 5.33 -11.20 -22.56
CA ARG B 279 5.32 -9.74 -22.54
C ARG B 279 4.65 -9.23 -21.27
N THR B 280 5.22 -8.19 -20.68
CA THR B 280 4.71 -7.59 -19.46
C THR B 280 3.86 -6.37 -19.77
N ILE B 281 2.98 -6.04 -18.82
CA ILE B 281 2.16 -4.83 -18.89
C ILE B 281 2.24 -4.16 -17.52
N LEU B 282 2.76 -2.93 -17.48
CA LEU B 282 2.98 -2.21 -16.22
C LEU B 282 3.78 -3.05 -15.24
N GLY B 283 4.73 -3.82 -15.76
CA GLY B 283 5.58 -4.64 -14.90
C GLY B 283 4.85 -5.79 -14.24
N SER B 284 3.93 -6.42 -14.95
CA SER B 284 3.20 -7.57 -14.43
C SER B 284 2.92 -8.53 -15.58
N ALA B 285 3.02 -9.82 -15.30
CA ALA B 285 2.74 -10.85 -16.28
C ALA B 285 1.30 -11.37 -16.18
N LEU B 286 0.47 -10.74 -15.36
CA LEU B 286 -0.94 -11.07 -15.25
C LEU B 286 -1.78 -9.80 -15.34
N LEU B 287 -2.99 -9.96 -15.85
CA LEU B 287 -3.94 -8.84 -15.92
C LEU B 287 -4.38 -8.49 -14.50
N GLU B 288 -3.85 -7.41 -13.95
CA GLU B 288 -4.27 -6.94 -12.64
C GLU B 288 -5.75 -6.55 -12.69
N ASP B 289 -6.50 -6.96 -11.67
CA ASP B 289 -7.92 -6.69 -11.62
C ASP B 289 -8.36 -6.02 -10.32
N GLU B 290 -7.44 -5.54 -9.50
CA GLU B 290 -7.78 -4.85 -8.26
C GLU B 290 -7.40 -3.37 -8.32
N PHE B 291 -7.39 -2.80 -9.52
CA PHE B 291 -7.32 -1.35 -9.73
C PHE B 291 -8.65 -0.91 -10.32
N THR B 292 -9.41 -0.11 -9.58
CA THR B 292 -10.66 0.42 -10.12
C THR B 292 -10.37 1.54 -11.12
N PRO B 293 -11.34 1.89 -11.96
CA PRO B 293 -11.16 3.08 -12.82
C PRO B 293 -10.86 4.33 -12.02
N PHE B 294 -11.55 4.52 -10.90
CA PHE B 294 -11.31 5.69 -10.07
C PHE B 294 -9.87 5.71 -9.55
N ASP B 295 -9.34 4.54 -9.19
CA ASP B 295 -7.94 4.45 -8.77
C ASP B 295 -7.01 4.96 -9.88
N VAL B 296 -7.25 4.50 -11.12
CA VAL B 296 -6.38 4.90 -12.23
C VAL B 296 -6.45 6.41 -12.44
N VAL B 297 -7.68 6.96 -12.45
CA VAL B 297 -7.86 8.39 -12.69
C VAL B 297 -7.14 9.22 -11.65
N ARG B 298 -6.99 8.69 -10.43
CA ARG B 298 -6.33 9.45 -9.38
C ARG B 298 -4.82 9.50 -9.58
N GLN B 299 -4.23 8.42 -10.11
CA GLN B 299 -2.78 8.37 -10.29
C GLN B 299 -2.34 8.79 -11.68
N CYS B 300 -3.24 8.78 -12.66
CA CYS B 300 -2.95 9.27 -14.00
C CYS B 300 -3.89 10.45 -14.24
N SER B 301 -3.31 11.64 -14.33
CA SER B 301 -4.09 12.87 -14.46
C SER B 301 -3.86 13.47 -15.85
N GLY B 302 -4.41 12.81 -16.85
CA GLY B 302 -4.22 13.22 -18.23
C GLY B 302 -5.26 14.22 -18.70
N VAL B 303 -4.98 14.82 -19.85
CA VAL B 303 -5.83 15.85 -20.44
C VAL B 303 -6.72 15.20 -21.49
N THR B 304 -7.95 15.68 -21.60
CA THR B 304 -8.88 15.25 -22.63
C THR B 304 -9.06 16.41 -23.61
N PHE B 305 -8.48 16.28 -24.80
CA PHE B 305 -8.66 17.27 -25.85
C PHE B 305 -10.04 17.10 -26.50
N GLN B 306 -10.66 18.22 -26.84
CA GLN B 306 -12.05 18.18 -27.32
C GLN B 306 -12.18 18.78 -28.71
N LYS C 1 14.46 13.89 -23.49
CA LYS C 1 13.51 14.43 -22.46
C LYS C 1 14.29 14.75 -21.18
N VAL C 2 13.83 15.77 -20.46
CA VAL C 2 14.54 16.27 -19.28
C VAL C 2 13.79 15.85 -18.02
N ALA C 3 14.53 15.88 -16.91
CA ALA C 3 13.91 15.62 -15.62
C ALA C 3 12.88 16.69 -15.28
N THR C 4 11.94 16.34 -14.43
CA THR C 4 10.89 17.24 -13.99
C THR C 4 10.91 17.32 -12.46
N VAL C 5 11.28 18.48 -11.94
CA VAL C 5 11.14 18.73 -10.51
C VAL C 5 9.66 18.89 -10.19
N GLN C 6 9.18 18.13 -9.22
CA GLN C 6 7.74 18.03 -8.97
C GLN C 6 7.31 18.77 -7.70
#